data_6F3I
#
_entry.id   6F3I
#
_cell.length_a   86.516
_cell.length_b   108.970
_cell.length_c   141.884
_cell.angle_alpha   90.00
_cell.angle_beta   90.00
_cell.angle_gamma   90.00
#
_symmetry.space_group_name_H-M   'I 2 2 2'
#
loop_
_entity.id
_entity.type
_entity.pdbx_description
1 polymer 'Interleukin-1 receptor-associated kinase 4'
2 non-polymer (3~{R})-3-[4-[[4-(4-ethanoylpiperazin-1-yl)cyclohexyl]amino]pyrrolo[2,1-f][1,2,4]triazin-5-yl]butanamide
3 non-polymer 'SULFATE ION'
4 water water
#
_entity_poly.entity_id   1
_entity_poly.type   'polypeptide(L)'
_entity_poly.pdbx_seq_one_letter_code
;MHHHHHHHENLYFQGENKSLEVSDTRFHSFSFYELKNVTNNFDERPISVGGNKMGEGGFGVVYKGYVNNTTVAVKKLAAM
VDITTEELKQQFDQEIKVMAKCQHENLVELLGFSSDGDDLCLVYVYMPNGSLLDRLSCLDGTPPLSWHMRCKIAQGAANG
INFLHENHHIHRDIKSANILLDEAFTAKISDFGLARASEKFAQTVM(TPO)(SEP)RIVGTTAYMAPEALRGEITPKSDI
YSFGVVLLEIITGLPAVDEHREPQLLLDIKEEIEDEEKTIEDYIDKKMNDADSTSVEAMYSVASQCLHEKKNKRPDIKKV
QQLLQEMTAS
;
_entity_poly.pdbx_strand_id   A,B
#
loop_
_chem_comp.id
_chem_comp.type
_chem_comp.name
_chem_comp.formula
CKN non-polymer (3~{R})-3-[4-[[4-(4-ethanoylpiperazin-1-yl)cyclohexyl]amino]pyrrolo[2,1-f][1,2,4]triazin-5-yl]butanamide 'C22 H33 N7 O2'
SO4 non-polymer 'SULFATE ION' 'O4 S -2'
#
# COMPACT_ATOMS: atom_id res chain seq x y z
N PHE A 27 -15.92 -18.30 33.34
CA PHE A 27 -16.65 -17.51 32.33
C PHE A 27 -18.07 -17.20 32.76
N HIS A 28 -18.61 -16.10 32.21
CA HIS A 28 -19.98 -15.69 32.49
C HIS A 28 -20.94 -16.27 31.45
N SER A 29 -22.06 -16.84 31.92
CA SER A 29 -23.07 -17.45 31.07
C SER A 29 -24.11 -16.39 30.64
N PHE A 30 -24.31 -16.25 29.32
CA PHE A 30 -25.27 -15.30 28.73
C PHE A 30 -26.43 -15.99 27.99
N SER A 31 -27.57 -15.27 27.85
CA SER A 31 -28.77 -15.74 27.14
C SER A 31 -28.71 -15.22 25.70
N PHE A 32 -29.44 -15.85 24.76
CA PHE A 32 -29.43 -15.44 23.36
C PHE A 32 -30.02 -14.03 23.12
N TYR A 33 -31.14 -13.68 23.80
CA TYR A 33 -31.74 -12.36 23.67
C TYR A 33 -30.80 -11.31 24.31
N GLU A 34 -30.13 -11.70 25.41
CA GLU A 34 -29.16 -10.93 26.19
C GLU A 34 -27.98 -10.48 25.32
N LEU A 35 -27.76 -11.18 24.18
CA LEU A 35 -26.72 -10.86 23.20
C LEU A 35 -27.31 -10.38 21.85
N LYS A 36 -28.64 -10.53 21.65
CA LYS A 36 -29.32 -10.15 20.39
C LYS A 36 -29.48 -8.63 20.20
N ASN A 37 -29.93 -7.90 21.24
CA ASN A 37 -30.13 -6.43 21.19
C ASN A 37 -28.83 -5.63 21.33
N VAL A 38 -27.73 -6.22 21.85
CA VAL A 38 -26.43 -5.52 21.98
C VAL A 38 -25.80 -5.38 20.59
N THR A 39 -26.15 -6.31 19.69
CA THR A 39 -25.75 -6.39 18.29
C THR A 39 -26.84 -5.70 17.41
N ASN A 40 -27.75 -4.91 18.04
CA ASN A 40 -28.86 -4.20 17.39
C ASN A 40 -29.61 -5.15 16.45
N ASN A 41 -30.12 -6.28 17.01
CA ASN A 41 -30.83 -7.36 16.29
C ASN A 41 -29.97 -7.97 15.17
N PHE A 42 -28.66 -8.14 15.44
CA PHE A 42 -27.63 -8.66 14.54
C PHE A 42 -27.61 -7.93 13.18
N ASP A 43 -27.42 -6.59 13.23
CA ASP A 43 -27.37 -5.71 12.06
C ASP A 43 -26.18 -6.02 11.13
N GLU A 44 -26.48 -6.43 9.89
CA GLU A 44 -25.48 -6.81 8.89
C GLU A 44 -24.88 -5.60 8.13
N ARG A 45 -23.84 -4.96 8.73
CA ARG A 45 -23.11 -3.82 8.16
C ARG A 45 -21.78 -3.61 8.91
N GLY A 51 -25.14 -0.38 12.13
CA GLY A 51 -24.40 -1.51 11.57
C GLY A 51 -23.56 -2.23 12.60
N ASN A 52 -23.71 -3.56 12.71
CA ASN A 52 -23.00 -4.35 13.71
C ASN A 52 -22.15 -5.53 13.16
N LYS A 53 -22.23 -5.88 11.86
CA LYS A 53 -21.42 -6.99 11.35
C LYS A 53 -19.95 -6.60 11.14
N MET A 54 -19.02 -7.41 11.69
CA MET A 54 -17.57 -7.21 11.59
C MET A 54 -17.01 -8.09 10.45
N GLY A 55 -17.43 -9.35 10.44
CA GLY A 55 -17.02 -10.35 9.46
C GLY A 55 -17.53 -11.72 9.82
N GLU A 56 -16.73 -12.77 9.48
CA GLU A 56 -17.06 -14.18 9.74
C GLU A 56 -15.83 -15.07 9.86
N VAL A 61 -20.14 -15.96 12.00
CA VAL A 61 -20.29 -14.52 11.85
C VAL A 61 -19.93 -13.76 13.14
N VAL A 62 -19.15 -12.68 13.00
CA VAL A 62 -18.66 -11.85 14.12
C VAL A 62 -19.36 -10.49 14.11
N TYR A 63 -19.91 -10.09 15.28
CA TYR A 63 -20.66 -8.84 15.46
C TYR A 63 -20.13 -7.95 16.59
N LYS A 64 -20.22 -6.62 16.38
CA LYS A 64 -19.81 -5.57 17.31
C LYS A 64 -21.07 -5.03 18.01
N GLY A 65 -20.59 -6.55 20.84
CA GLY A 65 -21.47 -5.55 21.41
C GLY A 65 -20.87 -4.79 22.58
N TYR A 66 -21.68 -4.60 23.64
CA TYR A 66 -21.32 -3.88 24.86
C TYR A 66 -21.93 -4.58 26.08
N VAL A 67 -21.11 -4.79 27.14
CA VAL A 67 -21.54 -5.44 28.38
C VAL A 67 -21.41 -4.46 29.57
N THR A 70 -18.18 -2.29 28.80
CA THR A 70 -17.16 -3.24 28.35
C THR A 70 -17.39 -3.60 26.87
N THR A 71 -16.54 -3.08 25.96
CA THR A 71 -16.65 -3.34 24.51
C THR A 71 -16.28 -4.80 24.20
N VAL A 72 -17.21 -5.54 23.53
CA VAL A 72 -17.04 -6.97 23.24
C VAL A 72 -17.24 -7.32 21.74
N ALA A 73 -16.71 -8.50 21.37
CA ALA A 73 -16.79 -9.13 20.05
C ALA A 73 -17.60 -10.40 20.23
N VAL A 74 -18.73 -10.50 19.49
CA VAL A 74 -19.67 -11.63 19.58
C VAL A 74 -19.52 -12.53 18.34
N LYS A 75 -19.10 -13.79 18.55
CA LYS A 75 -18.98 -14.75 17.46
C LYS A 75 -20.16 -15.70 17.51
N LYS A 76 -21.08 -15.58 16.52
CA LYS A 76 -22.26 -16.42 16.35
C LYS A 76 -21.95 -17.51 15.32
N LEU A 77 -21.95 -18.78 15.75
CA LEU A 77 -21.61 -19.95 14.93
C LEU A 77 -22.72 -20.33 13.93
N LEU A 88 -19.61 -27.98 14.06
CA LEU A 88 -19.79 -26.61 14.55
C LEU A 88 -19.92 -26.58 16.08
N LYS A 89 -20.84 -27.40 16.65
CA LYS A 89 -21.04 -27.49 18.11
C LYS A 89 -19.82 -28.09 18.80
N GLN A 90 -19.09 -28.97 18.09
CA GLN A 90 -17.87 -29.64 18.54
C GLN A 90 -16.76 -28.62 18.73
N GLN A 91 -16.62 -27.67 17.77
CA GLN A 91 -15.63 -26.58 17.77
C GLN A 91 -15.96 -25.52 18.81
N PHE A 92 -17.24 -25.43 19.22
CA PHE A 92 -17.75 -24.50 20.23
C PHE A 92 -17.25 -24.95 21.62
N ASP A 93 -17.39 -26.25 21.93
CA ASP A 93 -16.96 -26.87 23.19
C ASP A 93 -15.46 -26.78 23.41
N GLN A 94 -14.66 -27.10 22.36
CA GLN A 94 -13.19 -27.08 22.39
C GLN A 94 -12.68 -25.66 22.66
N GLU A 95 -13.32 -24.64 22.02
CA GLU A 95 -12.97 -23.23 22.18
C GLU A 95 -13.04 -22.81 23.67
N ILE A 96 -14.09 -23.24 24.41
CA ILE A 96 -14.28 -22.96 25.85
C ILE A 96 -13.23 -23.72 26.69
N LYS A 97 -12.94 -25.00 26.32
CA LYS A 97 -11.97 -25.86 27.00
C LYS A 97 -10.56 -25.29 26.98
N VAL A 98 -10.10 -24.79 25.80
CA VAL A 98 -8.77 -24.19 25.63
C VAL A 98 -8.69 -22.85 26.37
N MET A 99 -9.72 -21.99 26.23
CA MET A 99 -9.78 -20.67 26.87
C MET A 99 -9.74 -20.70 28.39
N ALA A 100 -10.37 -21.72 29.01
CA ALA A 100 -10.40 -21.93 30.46
C ALA A 100 -9.01 -22.21 31.02
N LYS A 101 -8.20 -23.02 30.32
CA LYS A 101 -6.85 -23.35 30.77
C LYS A 101 -5.80 -22.33 30.28
N CYS A 102 -6.05 -21.66 29.13
CA CYS A 102 -5.06 -20.75 28.55
C CYS A 102 -5.39 -19.25 28.70
N GLN A 103 -4.78 -18.63 29.71
CA GLN A 103 -4.91 -17.21 30.01
C GLN A 103 -3.52 -16.61 29.91
N HIS A 104 -3.34 -15.61 29.02
CA HIS A 104 -2.04 -14.97 28.79
C HIS A 104 -2.27 -13.60 28.14
N GLU A 105 -1.32 -12.65 28.35
CA GLU A 105 -1.39 -11.31 27.77
C GLU A 105 -1.36 -11.28 26.25
N ASN A 106 -0.87 -12.36 25.61
CA ASN A 106 -0.80 -12.46 24.14
C ASN A 106 -1.82 -13.44 23.55
N LEU A 107 -2.92 -13.66 24.28
CA LEU A 107 -4.03 -14.50 23.82
C LEU A 107 -5.29 -13.70 24.05
N VAL A 108 -6.24 -13.73 23.10
CA VAL A 108 -7.53 -13.01 23.28
C VAL A 108 -8.26 -13.62 24.47
N GLU A 109 -8.98 -12.80 25.20
CA GLU A 109 -9.67 -13.26 26.39
C GLU A 109 -11.11 -13.57 26.09
N LEU A 110 -11.57 -14.75 26.54
CA LEU A 110 -12.97 -15.12 26.41
C LEU A 110 -13.68 -14.52 27.63
N LEU A 111 -14.77 -13.79 27.40
CA LEU A 111 -15.58 -13.15 28.43
C LEU A 111 -16.64 -14.10 28.94
N GLY A 112 -17.33 -14.75 28.00
CA GLY A 112 -18.39 -15.69 28.28
C GLY A 112 -18.81 -16.54 27.10
N PHE A 113 -19.98 -17.17 27.23
CA PHE A 113 -20.55 -18.11 26.26
C PHE A 113 -22.10 -18.10 26.31
N SER A 114 -22.76 -18.78 25.34
CA SER A 114 -24.23 -18.87 25.22
C SER A 114 -24.68 -20.17 24.53
N CYS A 121 -22.88 -18.99 20.55
CA CYS A 121 -22.35 -17.63 20.74
C CYS A 121 -21.18 -17.57 21.72
N LEU A 122 -20.07 -16.97 21.27
CA LEU A 122 -18.87 -16.77 22.09
C LEU A 122 -18.55 -15.28 22.16
N VAL A 123 -18.41 -14.74 23.38
CA VAL A 123 -18.11 -13.31 23.59
C VAL A 123 -16.67 -13.11 24.05
N TYR A 124 -15.94 -12.27 23.33
CA TYR A 124 -14.53 -11.95 23.60
C TYR A 124 -14.42 -10.47 23.85
N VAL A 125 -13.36 -10.03 24.54
CA VAL A 125 -13.11 -8.61 24.71
C VAL A 125 -12.73 -8.05 23.33
N TYR A 126 -13.31 -6.91 22.95
CA TYR A 126 -13.12 -6.28 21.64
C TYR A 126 -11.72 -5.70 21.45
N MET A 127 -11.00 -6.13 20.41
CA MET A 127 -9.66 -5.66 20.06
C MET A 127 -9.82 -4.42 19.17
N PRO A 128 -9.57 -3.21 19.72
CA PRO A 128 -9.85 -1.97 18.97
C PRO A 128 -9.08 -1.74 17.68
N ASN A 129 -7.94 -2.40 17.52
CA ASN A 129 -7.13 -2.22 16.31
C ASN A 129 -7.21 -3.40 15.31
N GLY A 130 -8.27 -4.22 15.42
CA GLY A 130 -8.58 -5.33 14.54
C GLY A 130 -7.53 -6.41 14.39
N SER A 131 -7.41 -6.97 13.18
CA SER A 131 -6.41 -8.02 12.92
C SER A 131 -5.13 -7.46 12.31
N LEU A 132 -4.04 -8.21 12.45
CA LEU A 132 -2.75 -7.87 11.87
C LEU A 132 -2.87 -7.87 10.32
N LEU A 133 -3.73 -8.75 9.78
CA LEU A 133 -3.96 -8.82 8.32
C LEU A 133 -4.49 -7.48 7.80
N ASP A 134 -5.54 -6.94 8.46
CA ASP A 134 -6.13 -5.66 8.11
C ASP A 134 -5.16 -4.49 8.25
N ARG A 135 -4.35 -4.49 9.32
CA ARG A 135 -3.40 -3.42 9.60
C ARG A 135 -2.24 -3.42 8.63
N LEU A 136 -1.81 -4.62 8.17
CA LEU A 136 -0.75 -4.74 7.18
C LEU A 136 -1.23 -4.25 5.81
N SER A 137 -2.54 -4.39 5.50
CA SER A 137 -3.05 -3.90 4.22
C SER A 137 -3.61 -2.46 4.33
N CYS A 138 -3.51 -1.82 5.52
CA CYS A 138 -4.01 -0.47 5.84
C CYS A 138 -5.50 -0.34 5.54
N LEU A 139 -6.24 -1.41 5.82
CA LEU A 139 -7.68 -1.47 5.59
C LEU A 139 -8.42 -0.36 6.32
N ASP A 140 -9.38 0.27 5.62
CA ASP A 140 -10.23 1.37 6.10
C ASP A 140 -9.46 2.66 6.44
N GLY A 141 -8.32 2.87 5.78
CA GLY A 141 -7.52 4.09 5.94
C GLY A 141 -6.59 4.18 7.13
N THR A 142 -6.28 3.04 7.77
CA THR A 142 -5.39 3.05 8.94
C THR A 142 -3.93 3.26 8.51
N PRO A 143 -3.12 4.05 9.25
CA PRO A 143 -1.73 4.26 8.84
C PRO A 143 -0.88 3.01 8.85
N PRO A 144 0.14 2.89 7.96
CA PRO A 144 1.00 1.69 7.97
C PRO A 144 1.67 1.44 9.32
N LEU A 145 1.85 0.16 9.69
CA LEU A 145 2.55 -0.17 10.94
C LEU A 145 4.05 0.11 10.75
N SER A 146 4.68 0.74 11.73
CA SER A 146 6.11 1.02 11.64
C SER A 146 6.89 -0.30 11.88
N TRP A 147 8.17 -0.31 11.54
CA TRP A 147 9.01 -1.48 11.76
C TRP A 147 9.10 -1.80 13.26
N HIS A 148 9.27 -0.76 14.10
CA HIS A 148 9.31 -0.87 15.57
C HIS A 148 8.05 -1.60 16.11
N MET A 149 6.84 -1.21 15.63
CA MET A 149 5.59 -1.87 16.06
C MET A 149 5.55 -3.30 15.51
N ARG A 150 5.96 -3.51 14.25
CA ARG A 150 5.99 -4.85 13.65
C ARG A 150 6.84 -5.85 14.46
N CYS A 151 8.00 -5.38 14.98
CA CYS A 151 8.89 -6.18 15.83
C CYS A 151 8.22 -6.59 17.15
N LYS A 152 7.51 -5.66 17.81
CA LYS A 152 6.79 -5.92 19.07
C LYS A 152 5.64 -6.90 18.83
N ILE A 153 4.94 -6.75 17.70
CA ILE A 153 3.83 -7.61 17.29
C ILE A 153 4.35 -9.05 17.04
N ALA A 154 5.48 -9.19 16.33
CA ALA A 154 6.10 -10.47 16.03
C ALA A 154 6.55 -11.17 17.31
N GLN A 155 7.14 -10.40 18.25
CA GLN A 155 7.59 -10.88 19.56
C GLN A 155 6.40 -11.32 20.42
N GLY A 156 5.34 -10.51 20.43
CA GLY A 156 4.12 -10.79 21.18
C GLY A 156 3.42 -12.04 20.67
N ALA A 157 3.30 -12.19 19.34
CA ALA A 157 2.70 -13.36 18.71
C ALA A 157 3.46 -14.63 19.09
N ALA A 158 4.81 -14.59 19.08
CA ALA A 158 5.66 -15.74 19.45
C ALA A 158 5.50 -16.12 20.92
N ASN A 159 5.33 -15.10 21.80
CA ASN A 159 5.11 -15.29 23.24
C ASN A 159 3.78 -16.01 23.48
N GLY A 160 2.76 -15.68 22.67
CA GLY A 160 1.44 -16.30 22.70
C GLY A 160 1.47 -17.75 22.26
N ILE A 161 2.22 -18.05 21.17
CA ILE A 161 2.38 -19.42 20.66
C ILE A 161 3.20 -20.24 21.66
N ASN A 162 4.25 -19.63 22.27
CA ASN A 162 5.06 -20.27 23.30
C ASN A 162 4.19 -20.78 24.45
N PHE A 163 3.28 -19.90 24.97
CA PHE A 163 2.36 -20.24 26.05
C PHE A 163 1.46 -21.41 25.68
N LEU A 164 0.91 -21.41 24.45
CA LEU A 164 0.07 -22.49 23.95
C LEU A 164 0.85 -23.81 23.89
N HIS A 165 2.08 -23.79 23.35
CA HIS A 165 2.94 -24.97 23.22
C HIS A 165 3.45 -25.51 24.57
N GLU A 166 3.76 -24.61 25.53
CA GLU A 166 4.21 -24.96 26.90
C GLU A 166 3.10 -25.71 27.65
N ASN A 167 1.83 -25.41 27.30
CA ASN A 167 0.65 -26.02 27.87
C ASN A 167 0.13 -27.20 27.03
N HIS A 168 1.00 -27.73 26.13
CA HIS A 168 0.80 -28.86 25.23
C HIS A 168 -0.41 -28.68 24.30
N HIS A 169 -0.54 -27.47 23.71
CA HIS A 169 -1.63 -27.16 22.78
C HIS A 169 -1.10 -26.74 21.41
N ILE A 170 -1.72 -27.28 20.36
CA ILE A 170 -1.43 -26.97 18.96
C ILE A 170 -2.56 -26.06 18.49
N HIS A 171 -2.24 -24.89 17.92
CA HIS A 171 -3.25 -23.91 17.48
C HIS A 171 -3.97 -24.42 16.23
N ARG A 172 -3.21 -24.83 15.20
CA ARG A 172 -3.65 -25.40 13.91
C ARG A 172 -4.17 -24.34 12.91
N ASP A 173 -4.28 -23.07 13.29
CA ASP A 173 -4.73 -22.02 12.36
C ASP A 173 -4.01 -20.68 12.59
N ILE A 174 -2.67 -20.74 12.75
CA ILE A 174 -1.85 -19.54 12.92
C ILE A 174 -1.83 -18.82 11.57
N LYS A 175 -2.30 -17.56 11.57
CA LYS A 175 -2.37 -16.66 10.40
C LYS A 175 -2.57 -15.22 10.87
N SER A 176 -2.26 -14.23 10.01
CA SER A 176 -2.40 -12.80 10.36
C SER A 176 -3.85 -12.37 10.65
N ALA A 177 -4.86 -13.08 10.10
CA ALA A 177 -6.26 -12.78 10.40
C ALA A 177 -6.59 -13.18 11.86
N ASN A 178 -5.80 -14.12 12.43
CA ASN A 178 -5.99 -14.66 13.79
C ASN A 178 -5.03 -14.06 14.82
N ILE A 179 -4.30 -12.98 14.43
CA ILE A 179 -3.46 -12.20 15.32
C ILE A 179 -4.16 -10.86 15.45
N LEU A 180 -4.76 -10.64 16.62
CA LEU A 180 -5.51 -9.42 16.91
C LEU A 180 -4.64 -8.39 17.63
N LEU A 181 -5.04 -7.11 17.54
CA LEU A 181 -4.31 -5.98 18.11
C LEU A 181 -5.16 -5.15 19.05
N ASP A 182 -4.73 -5.07 20.31
CA ASP A 182 -5.43 -4.33 21.35
C ASP A 182 -5.14 -2.81 21.28
N GLU A 183 -5.62 -2.04 22.28
CA GLU A 183 -5.48 -0.58 22.39
C GLU A 183 -4.03 -0.08 22.26
N ALA A 184 -3.04 -0.91 22.69
CA ALA A 184 -1.60 -0.61 22.62
C ALA A 184 -0.87 -1.35 21.49
N PHE A 185 -1.63 -1.95 20.53
CA PHE A 185 -1.10 -2.76 19.43
C PHE A 185 -0.32 -3.99 19.92
N THR A 186 -0.74 -4.54 21.06
CA THR A 186 -0.16 -5.77 21.62
C THR A 186 -0.79 -6.95 20.87
N ALA A 187 0.05 -7.87 20.35
CA ALA A 187 -0.40 -9.07 19.64
C ALA A 187 -1.21 -10.02 20.55
N LYS A 188 -2.41 -10.39 20.08
CA LYS A 188 -3.33 -11.28 20.78
C LYS A 188 -3.71 -12.43 19.85
N ILE A 189 -3.25 -13.66 20.13
CA ILE A 189 -3.59 -14.85 19.32
C ILE A 189 -5.06 -15.22 19.61
N SER A 190 -5.86 -15.40 18.54
CA SER A 190 -7.28 -15.77 18.59
C SER A 190 -7.58 -17.05 17.79
N ASP A 191 -8.85 -17.48 17.78
CA ASP A 191 -9.41 -18.64 17.07
C ASP A 191 -8.79 -19.96 17.52
N PHE A 192 -9.37 -20.56 18.56
CA PHE A 192 -8.94 -21.83 19.13
C PHE A 192 -9.98 -22.95 18.90
N GLY A 193 -10.83 -22.75 17.90
CA GLY A 193 -11.88 -23.70 17.50
C GLY A 193 -11.32 -24.99 16.93
N LEU A 194 -10.15 -24.91 16.28
CA LEU A 194 -9.45 -26.06 15.71
C LEU A 194 -8.32 -26.57 16.62
N ALA A 195 -7.94 -25.79 17.66
CA ALA A 195 -6.88 -26.12 18.62
C ALA A 195 -7.00 -27.52 19.23
N ARG A 196 -5.87 -28.23 19.36
CA ARG A 196 -5.84 -29.59 19.89
C ARG A 196 -4.79 -29.75 21.00
N ALA A 197 -5.09 -30.61 22.00
CA ALA A 197 -4.19 -30.89 23.11
C ALA A 197 -3.08 -31.88 22.71
N VAL A 205 0.45 -37.54 14.92
CA VAL A 205 -0.98 -37.85 14.92
C VAL A 205 -1.59 -37.46 13.56
N MET A 206 -2.36 -38.38 12.96
CA MET A 206 -3.05 -38.17 11.68
C MET A 206 -4.50 -37.70 11.89
N TPO A 207 -5.16 -37.29 10.79
CA TPO A 207 -6.56 -36.85 10.73
CB TPO A 207 -6.91 -35.43 11.32
CG2 TPO A 207 -6.25 -34.25 10.57
OG1 TPO A 207 -8.34 -35.14 11.40
P TPO A 207 -9.13 -35.54 12.67
O1P TPO A 207 -9.58 -37.00 12.62
O2P TPO A 207 -8.36 -35.28 13.96
O3P TPO A 207 -10.38 -34.69 12.67
C TPO A 207 -7.12 -37.04 9.32
O TPO A 207 -6.40 -36.86 8.33
N SEP A 208 -8.41 -37.40 9.22
CA SEP A 208 -9.10 -37.59 7.94
CB SEP A 208 -10.23 -38.62 8.09
OG SEP A 208 -11.16 -38.20 9.10
C SEP A 208 -9.65 -36.23 7.43
O SEP A 208 -9.89 -36.09 6.23
P SEP A 208 -12.05 -39.33 9.64
O1P SEP A 208 -12.95 -39.94 8.57
O2P SEP A 208 -12.91 -38.70 10.74
O3P SEP A 208 -11.23 -40.45 10.27
N ARG A 209 -9.83 -35.26 8.34
CA ARG A 209 -10.36 -33.92 8.06
C ARG A 209 -9.23 -32.88 8.11
N ILE A 210 -8.64 -32.55 6.93
CA ILE A 210 -7.58 -31.55 6.79
C ILE A 210 -8.22 -30.16 6.92
N VAL A 211 -7.87 -29.43 7.99
CA VAL A 211 -8.41 -28.11 8.29
C VAL A 211 -7.31 -27.04 8.44
N GLY A 212 -7.66 -25.81 8.06
CA GLY A 212 -6.77 -24.66 8.11
C GLY A 212 -6.75 -23.88 6.81
N THR A 213 -5.91 -22.83 6.76
CA THR A 213 -5.76 -21.98 5.57
C THR A 213 -4.53 -22.44 4.79
N THR A 214 -4.74 -22.97 3.56
CA THR A 214 -3.70 -23.58 2.71
C THR A 214 -2.46 -22.69 2.49
N ALA A 215 -2.66 -21.37 2.31
CA ALA A 215 -1.57 -20.38 2.13
C ALA A 215 -0.56 -20.32 3.28
N TYR A 216 -0.95 -20.79 4.48
CA TYR A 216 -0.14 -20.77 5.71
C TYR A 216 0.28 -22.16 6.16
N MET A 217 -0.33 -23.20 5.63
CA MET A 217 -0.13 -24.58 6.08
C MET A 217 1.18 -25.21 5.69
N ALA A 218 1.76 -25.97 6.65
CA ALA A 218 2.99 -26.75 6.48
C ALA A 218 2.71 -27.91 5.52
N PRO A 219 3.71 -28.40 4.75
CA PRO A 219 3.44 -29.54 3.85
C PRO A 219 2.86 -30.78 4.56
N GLU A 220 3.38 -31.12 5.76
CA GLU A 220 2.88 -32.27 6.52
C GLU A 220 1.44 -32.05 7.05
N ALA A 221 1.03 -30.78 7.28
CA ALA A 221 -0.32 -30.44 7.75
C ALA A 221 -1.34 -30.66 6.64
N LEU A 222 -0.94 -30.38 5.38
CA LEU A 222 -1.79 -30.59 4.20
C LEU A 222 -1.93 -32.10 3.90
N ARG A 223 -0.94 -32.90 4.37
CA ARG A 223 -0.91 -34.37 4.25
C ARG A 223 -1.69 -35.06 5.38
N GLY A 224 -2.18 -34.28 6.35
CA GLY A 224 -3.00 -34.80 7.45
C GLY A 224 -2.39 -34.92 8.83
N GLU A 225 -1.08 -34.63 8.99
CA GLU A 225 -0.37 -34.67 10.28
C GLU A 225 -0.77 -33.47 11.15
N ILE A 226 -0.85 -33.70 12.47
CA ILE A 226 -1.15 -32.68 13.50
C ILE A 226 0.10 -32.64 14.39
N THR A 227 0.81 -31.52 14.40
CA THR A 227 2.06 -31.35 15.17
C THR A 227 2.34 -29.89 15.48
N PRO A 228 2.87 -29.54 16.68
CA PRO A 228 3.19 -28.13 16.97
C PRO A 228 4.19 -27.52 15.99
N LYS A 229 4.92 -28.39 15.22
CA LYS A 229 5.90 -28.01 14.19
C LYS A 229 5.22 -27.31 13.01
N SER A 230 3.94 -27.62 12.76
CA SER A 230 3.15 -27.01 11.69
C SER A 230 2.81 -25.56 12.07
N ASP A 231 2.59 -25.30 13.39
CA ASP A 231 2.33 -23.95 13.93
C ASP A 231 3.53 -23.03 13.66
N ILE A 232 4.76 -23.58 13.75
CA ILE A 232 6.04 -22.90 13.50
C ILE A 232 6.11 -22.45 12.03
N TYR A 233 5.78 -23.36 11.09
CA TYR A 233 5.76 -23.08 9.65
C TYR A 233 4.80 -21.91 9.35
N SER A 234 3.56 -21.98 9.86
CA SER A 234 2.51 -20.98 9.70
C SER A 234 2.97 -19.62 10.25
N PHE A 235 3.66 -19.63 11.40
CA PHE A 235 4.24 -18.42 11.99
C PHE A 235 5.30 -17.80 11.08
N GLY A 236 6.06 -18.64 10.38
CA GLY A 236 7.05 -18.22 9.39
C GLY A 236 6.43 -17.45 8.23
N VAL A 237 5.20 -17.84 7.82
CA VAL A 237 4.44 -17.16 6.77
C VAL A 237 4.01 -15.77 7.29
N VAL A 238 3.55 -15.68 8.55
CA VAL A 238 3.14 -14.45 9.24
C VAL A 238 4.31 -13.46 9.30
N LEU A 239 5.52 -13.96 9.62
CA LEU A 239 6.74 -13.17 9.66
C LEU A 239 7.09 -12.56 8.30
N LEU A 240 6.84 -13.29 7.19
CA LEU A 240 7.05 -12.79 5.84
C LEU A 240 6.02 -11.70 5.51
N GLU A 241 4.77 -11.85 5.96
CA GLU A 241 3.72 -10.85 5.77
C GLU A 241 4.09 -9.56 6.50
N ILE A 242 4.69 -9.69 7.69
CA ILE A 242 5.12 -8.56 8.52
C ILE A 242 6.24 -7.76 7.80
N ILE A 243 7.23 -8.48 7.22
CA ILE A 243 8.37 -7.88 6.52
C ILE A 243 7.94 -7.19 5.23
N THR A 244 7.11 -7.86 4.43
CA THR A 244 6.68 -7.44 3.10
C THR A 244 5.41 -6.58 3.02
N GLY A 245 4.50 -6.74 3.99
CA GLY A 245 3.18 -6.13 3.98
C GLY A 245 2.28 -6.78 2.93
N LEU A 246 2.67 -7.97 2.44
CA LEU A 246 1.93 -8.66 1.40
C LEU A 246 1.06 -9.79 1.95
N PRO A 247 -0.15 -10.00 1.41
CA PRO A 247 -0.97 -11.15 1.87
C PRO A 247 -0.32 -12.48 1.46
N ALA A 248 -0.49 -13.55 2.28
CA ALA A 248 0.09 -14.89 2.06
C ALA A 248 -0.24 -15.50 0.70
N VAL A 249 -1.42 -15.15 0.17
CA VAL A 249 -1.90 -15.58 -1.14
C VAL A 249 -2.54 -14.40 -1.91
N ASP A 250 -2.22 -14.29 -3.21
CA ASP A 250 -2.76 -13.30 -4.12
C ASP A 250 -2.70 -13.85 -5.54
N GLU A 251 -3.89 -14.27 -6.05
CA GLU A 251 -4.12 -14.83 -7.38
C GLU A 251 -3.76 -13.84 -8.50
N HIS A 252 -3.93 -12.53 -8.22
CA HIS A 252 -3.61 -11.42 -9.13
C HIS A 252 -2.22 -10.86 -8.76
N ARG A 253 -1.23 -11.78 -8.62
CA ARG A 253 0.17 -11.52 -8.28
C ARG A 253 1.06 -12.74 -8.63
N GLU A 254 2.33 -12.48 -8.97
CA GLU A 254 3.33 -13.50 -9.28
C GLU A 254 4.58 -13.28 -8.40
N PRO A 255 4.99 -14.22 -7.51
CA PRO A 255 4.38 -15.54 -7.22
C PRO A 255 3.09 -15.40 -6.43
N GLN A 256 2.13 -16.34 -6.64
CA GLN A 256 0.84 -16.31 -5.96
C GLN A 256 0.95 -16.51 -4.44
N LEU A 257 1.85 -17.41 -4.01
CA LEU A 257 2.09 -17.71 -2.60
C LEU A 257 3.34 -17.00 -2.12
N LEU A 258 3.21 -16.32 -0.97
CA LEU A 258 4.28 -15.56 -0.34
C LEU A 258 5.45 -16.43 0.10
N LEU A 259 5.17 -17.63 0.66
CA LEU A 259 6.21 -18.58 1.10
C LEU A 259 7.22 -18.91 -0.02
N ASP A 260 6.80 -18.73 -1.29
CA ASP A 260 7.64 -18.95 -2.46
C ASP A 260 8.74 -17.89 -2.65
N ILE A 261 8.68 -16.73 -1.93
CA ILE A 261 9.73 -15.70 -2.04
C ILE A 261 11.03 -16.20 -1.39
N LYS A 262 10.92 -17.14 -0.42
CA LYS A 262 12.04 -17.81 0.25
C LYS A 262 12.92 -18.51 -0.78
N GLU A 263 12.28 -19.16 -1.80
CA GLU A 263 12.96 -19.87 -2.89
C GLU A 263 13.68 -18.89 -3.80
N GLU A 264 13.00 -17.77 -4.16
CA GLU A 264 13.53 -16.67 -5.01
C GLU A 264 14.78 -16.04 -4.42
N ILE A 265 14.81 -15.87 -3.08
CA ILE A 265 15.94 -15.29 -2.35
C ILE A 265 17.11 -16.29 -2.29
N GLU A 266 16.81 -17.57 -1.95
CA GLU A 266 17.78 -18.67 -1.88
C GLU A 266 18.47 -18.95 -3.23
N ASP A 267 17.73 -18.77 -4.33
CA ASP A 267 18.25 -18.97 -5.69
C ASP A 267 18.89 -17.69 -6.26
N GLU A 268 18.90 -16.59 -5.44
CA GLU A 268 19.46 -15.26 -5.75
C GLU A 268 18.78 -14.56 -6.95
N GLU A 269 17.51 -14.94 -7.22
CA GLU A 269 16.67 -14.38 -8.28
C GLU A 269 16.20 -12.97 -7.86
N LYS A 270 16.02 -12.76 -6.53
CA LYS A 270 15.64 -11.51 -5.87
C LYS A 270 16.30 -11.48 -4.48
N THR A 271 16.25 -10.32 -3.80
CA THR A 271 16.81 -10.17 -2.45
C THR A 271 15.71 -9.85 -1.43
N ILE A 272 16.02 -9.93 -0.13
CA ILE A 272 15.04 -9.60 0.92
C ILE A 272 14.68 -8.10 0.83
N GLU A 273 15.69 -7.24 0.52
CA GLU A 273 15.56 -5.79 0.35
C GLU A 273 14.54 -5.44 -0.72
N ASP A 274 14.48 -6.24 -1.81
CA ASP A 274 13.52 -6.08 -2.91
C ASP A 274 12.08 -6.25 -2.43
N TYR A 275 11.86 -7.04 -1.34
CA TYR A 275 10.54 -7.36 -0.83
C TYR A 275 10.11 -6.60 0.43
N ILE A 276 11.03 -5.84 1.09
CA ILE A 276 10.75 -5.04 2.28
C ILE A 276 9.56 -4.11 2.00
N ASP A 277 8.57 -4.09 2.90
CA ASP A 277 7.39 -3.24 2.77
C ASP A 277 7.87 -1.79 2.61
N LYS A 278 7.50 -1.16 1.49
CA LYS A 278 7.92 0.22 1.19
C LYS A 278 7.09 1.25 1.97
N LYS A 279 6.05 0.76 2.68
CA LYS A 279 5.19 1.58 3.51
C LYS A 279 5.75 1.80 4.94
N MET A 280 7.07 1.63 5.14
CA MET A 280 7.74 1.91 6.42
C MET A 280 8.87 2.89 6.12
N ASN A 281 9.32 3.63 7.13
CA ASN A 281 10.47 4.55 6.98
C ASN A 281 11.58 4.20 8.00
N ASP A 282 11.26 3.36 9.00
CA ASP A 282 12.14 3.01 10.11
C ASP A 282 12.71 1.57 10.09
N ALA A 283 12.68 0.90 8.94
CA ALA A 283 13.29 -0.42 8.88
C ALA A 283 14.82 -0.29 8.66
N ASP A 284 15.60 -1.18 9.27
CA ASP A 284 17.06 -1.23 9.06
C ASP A 284 17.34 -2.64 8.61
N SER A 285 18.29 -2.78 7.68
CA SER A 285 18.68 -4.06 7.10
C SER A 285 19.04 -5.13 8.11
N THR A 286 19.70 -4.76 9.22
CA THR A 286 20.15 -5.69 10.26
C THR A 286 18.97 -6.44 10.91
N SER A 287 17.97 -5.72 11.43
CA SER A 287 16.81 -6.36 12.07
C SER A 287 15.89 -7.02 11.07
N VAL A 288 15.75 -6.44 9.86
CA VAL A 288 14.93 -7.02 8.79
C VAL A 288 15.51 -8.39 8.36
N GLU A 289 16.84 -8.48 8.20
CA GLU A 289 17.51 -9.72 7.84
C GLU A 289 17.45 -10.74 8.98
N ALA A 290 17.46 -10.29 10.24
CA ALA A 290 17.35 -11.17 11.40
C ALA A 290 15.93 -11.76 11.50
N MET A 291 14.89 -10.97 11.15
CA MET A 291 13.52 -11.51 11.18
C MET A 291 13.32 -12.49 10.00
N TYR A 292 13.90 -12.15 8.83
CA TYR A 292 13.84 -13.01 7.65
C TYR A 292 14.54 -14.33 7.92
N SER A 293 15.66 -14.31 8.66
CA SER A 293 16.42 -15.52 9.03
C SER A 293 15.55 -16.43 9.91
N VAL A 294 14.77 -15.84 10.85
CA VAL A 294 13.83 -16.58 11.70
C VAL A 294 12.75 -17.20 10.81
N ALA A 295 12.15 -16.38 9.90
CA ALA A 295 11.10 -16.81 8.97
C ALA A 295 11.58 -17.96 8.11
N SER A 296 12.80 -17.87 7.55
CA SER A 296 13.43 -18.90 6.71
C SER A 296 13.63 -20.21 7.48
N GLN A 297 14.10 -20.15 8.73
CA GLN A 297 14.28 -21.31 9.59
C GLN A 297 12.95 -22.00 9.86
N CYS A 298 11.89 -21.19 10.11
CA CYS A 298 10.51 -21.64 10.38
C CYS A 298 9.91 -22.36 9.19
N LEU A 299 10.24 -21.89 7.97
CA LEU A 299 9.70 -22.37 6.70
C LEU A 299 10.46 -23.55 6.09
N HIS A 300 11.25 -24.28 6.90
CA HIS A 300 11.97 -25.48 6.49
C HIS A 300 10.92 -26.53 6.10
N GLU A 301 11.09 -27.18 4.95
CA GLU A 301 10.14 -28.20 4.48
C GLU A 301 10.11 -29.43 5.39
N LYS A 302 11.26 -29.77 6.02
CA LYS A 302 11.40 -30.87 6.95
C LYS A 302 11.08 -30.36 8.35
N LYS A 303 9.93 -30.80 8.91
CA LYS A 303 9.38 -30.41 10.21
C LYS A 303 10.38 -30.45 11.38
N ASN A 304 11.23 -31.49 11.43
CA ASN A 304 12.22 -31.69 12.49
C ASN A 304 13.40 -30.71 12.40
N LYS A 305 13.59 -30.06 11.23
CA LYS A 305 14.66 -29.07 11.00
C LYS A 305 14.22 -27.64 11.33
N ARG A 306 12.94 -27.46 11.72
CA ARG A 306 12.39 -26.17 12.12
C ARG A 306 12.75 -25.92 13.58
N PRO A 307 12.98 -24.65 13.99
CA PRO A 307 13.26 -24.42 15.42
C PRO A 307 11.97 -24.54 16.24
N ASP A 308 12.08 -24.86 17.54
CA ASP A 308 10.89 -24.91 18.39
C ASP A 308 10.48 -23.46 18.72
N ILE A 309 9.29 -23.26 19.28
CA ILE A 309 8.80 -21.92 19.59
C ILE A 309 9.73 -21.16 20.57
N LYS A 310 10.34 -21.87 21.55
CA LYS A 310 11.28 -21.26 22.50
C LYS A 310 12.51 -20.68 21.79
N LYS A 311 13.00 -21.33 20.73
CA LYS A 311 14.16 -20.83 19.96
C LYS A 311 13.74 -19.63 19.10
N VAL A 312 12.52 -19.67 18.53
CA VAL A 312 11.95 -18.59 17.73
C VAL A 312 11.82 -17.34 18.61
N GLN A 313 11.22 -17.53 19.81
CA GLN A 313 11.00 -16.51 20.83
C GLN A 313 12.34 -15.91 21.27
N GLN A 314 13.38 -16.76 21.41
CA GLN A 314 14.75 -16.37 21.77
C GLN A 314 15.40 -15.55 20.65
N LEU A 315 15.24 -15.97 19.39
CA LEU A 315 15.79 -15.30 18.22
C LEU A 315 15.16 -13.92 17.96
N LEU A 316 13.84 -13.81 18.13
CA LEU A 316 13.12 -12.54 17.96
C LEU A 316 13.50 -11.51 19.04
N GLN A 317 13.82 -11.96 20.27
CA GLN A 317 14.27 -11.10 21.37
C GLN A 317 15.67 -10.53 21.09
N GLU A 318 16.61 -11.37 20.60
CA GLU A 318 17.99 -10.97 20.25
C GLU A 318 17.99 -9.97 19.08
N MET A 319 16.89 -9.89 18.34
CA MET A 319 16.67 -9.00 17.19
C MET A 319 16.55 -7.52 17.65
N THR A 320 15.88 -7.29 18.80
CA THR A 320 15.68 -5.94 19.34
C THR A 320 16.74 -5.54 20.37
N ARG B 26 11.99 37.04 -12.81
CA ARG B 26 12.17 35.87 -13.67
C ARG B 26 12.91 34.71 -12.94
N PHE B 27 13.81 33.97 -13.63
CA PHE B 27 14.53 32.85 -13.01
C PHE B 27 16.00 33.19 -12.71
N HIS B 28 16.60 32.50 -11.73
CA HIS B 28 18.00 32.74 -11.34
C HIS B 28 19.00 31.72 -11.90
N SER B 29 20.08 32.23 -12.53
CA SER B 29 21.16 31.40 -13.09
C SER B 29 22.13 31.02 -11.96
N PHE B 30 22.05 29.75 -11.50
CA PHE B 30 22.88 29.23 -10.40
C PHE B 30 24.19 28.58 -10.85
N SER B 31 25.19 28.57 -9.94
CA SER B 31 26.46 27.88 -10.17
C SER B 31 26.37 26.52 -9.51
N PHE B 32 27.00 25.49 -10.11
CA PHE B 32 26.95 24.11 -9.62
C PHE B 32 27.36 23.94 -8.13
N TYR B 33 28.44 24.64 -7.69
CA TYR B 33 28.97 24.54 -6.32
C TYR B 33 27.92 24.91 -5.24
N GLU B 34 27.05 25.89 -5.55
CA GLU B 34 26.00 26.41 -4.67
C GLU B 34 25.06 25.25 -4.29
N LEU B 35 24.50 24.61 -5.32
CA LEU B 35 23.61 23.44 -5.30
C LEU B 35 24.24 22.23 -4.61
N LYS B 36 25.59 22.08 -4.72
CA LYS B 36 26.30 20.95 -4.14
C LYS B 36 26.29 20.95 -2.61
N ASN B 37 26.54 22.09 -1.96
CA ASN B 37 26.59 22.08 -0.50
C ASN B 37 25.25 22.31 0.18
N VAL B 38 24.22 22.78 -0.55
CA VAL B 38 22.86 22.95 -0.03
C VAL B 38 22.18 21.57 0.11
N THR B 39 22.70 20.59 -0.63
CA THR B 39 22.26 19.19 -0.69
C THR B 39 23.23 18.34 0.14
N ASN B 40 24.07 19.02 0.99
CA ASN B 40 25.11 18.44 1.85
C ASN B 40 25.99 17.51 1.00
N ASN B 41 26.62 18.12 -0.04
CA ASN B 41 27.48 17.51 -1.07
C ASN B 41 26.79 16.32 -1.81
N PHE B 42 25.59 16.57 -2.35
CA PHE B 42 24.74 15.59 -3.06
C PHE B 42 24.67 14.25 -2.28
N ASP B 43 24.42 14.38 -0.95
CA ASP B 43 24.28 13.30 0.04
C ASP B 43 23.24 12.28 -0.46
N GLU B 44 23.77 11.13 -0.99
CA GLU B 44 23.02 10.03 -1.63
C GLU B 44 22.13 9.19 -0.71
N ARG B 45 22.29 9.34 0.63
CA ARG B 45 21.47 8.64 1.64
C ARG B 45 20.02 9.15 1.48
N PRO B 46 18.97 8.31 1.71
CA PRO B 46 17.58 8.80 1.56
C PRO B 46 17.25 9.89 2.58
N ILE B 47 16.25 10.75 2.29
CA ILE B 47 15.83 11.79 3.25
C ILE B 47 15.25 11.18 4.53
N SER B 48 14.59 10.00 4.41
CA SER B 48 13.96 9.25 5.51
C SER B 48 14.96 8.78 6.62
N VAL B 49 16.29 8.85 6.35
CA VAL B 49 17.34 8.43 7.32
C VAL B 49 18.32 9.60 7.70
N GLY B 50 17.97 10.82 7.31
CA GLY B 50 18.79 11.99 7.60
C GLY B 50 19.73 12.42 6.49
N GLY B 51 19.54 11.81 5.32
CA GLY B 51 20.29 12.11 4.11
C GLY B 51 19.54 13.11 3.24
N ASN B 52 20.00 13.29 1.98
CA ASN B 52 19.41 14.28 1.10
C ASN B 52 18.69 13.70 -0.15
N LYS B 53 18.91 12.41 -0.46
CA LYS B 53 18.28 11.80 -1.63
C LYS B 53 16.79 11.67 -1.50
N MET B 54 16.07 12.22 -2.47
CA MET B 54 14.62 12.15 -2.55
C MET B 54 14.22 10.94 -3.40
N GLY B 55 14.85 10.81 -4.58
CA GLY B 55 14.65 9.73 -5.53
C GLY B 55 14.83 10.19 -6.96
N GLU B 56 14.32 9.38 -7.91
CA GLU B 56 14.31 9.63 -9.36
C GLU B 56 13.03 10.42 -9.73
N GLY B 57 13.20 11.46 -10.55
CA GLY B 57 12.11 12.33 -11.00
C GLY B 57 12.08 12.65 -12.49
N GLY B 58 12.51 11.69 -13.30
CA GLY B 58 12.51 11.84 -14.76
C GLY B 58 13.82 11.48 -15.42
N PHE B 59 14.51 12.48 -15.97
CA PHE B 59 15.81 12.33 -16.64
C PHE B 59 17.00 12.63 -15.72
N GLY B 60 16.79 12.46 -14.42
CA GLY B 60 17.82 12.68 -13.42
C GLY B 60 17.38 12.47 -11.98
N VAL B 61 18.36 12.46 -11.07
CA VAL B 61 18.17 12.31 -9.63
C VAL B 61 17.64 13.65 -9.08
N VAL B 62 17.05 13.64 -7.87
CA VAL B 62 16.46 14.81 -7.21
C VAL B 62 16.85 14.72 -5.72
N TYR B 63 17.35 15.84 -5.15
CA TYR B 63 17.78 15.94 -3.75
C TYR B 63 17.21 17.16 -3.03
N LYS B 64 16.85 16.97 -1.75
CA LYS B 64 16.31 18.01 -0.88
C LYS B 64 17.49 18.89 -0.46
N GLY B 65 17.33 20.18 -0.65
CA GLY B 65 18.37 21.16 -0.32
C GLY B 65 17.77 22.40 0.31
N TYR B 66 18.49 23.01 1.25
CA TYR B 66 18.02 24.23 1.90
C TYR B 66 18.84 25.39 1.34
N VAL B 67 18.21 26.28 0.56
CA VAL B 67 18.79 27.47 -0.09
C VAL B 67 18.31 28.80 0.55
N ASN B 68 19.14 29.37 1.43
CA ASN B 68 18.85 30.62 2.16
C ASN B 68 17.51 30.48 2.89
N ASN B 69 17.40 29.43 3.73
CA ASN B 69 16.24 29.06 4.53
C ASN B 69 15.06 28.52 3.72
N THR B 70 15.16 28.52 2.37
CA THR B 70 14.14 27.98 1.45
C THR B 70 14.48 26.54 1.01
N THR B 71 13.55 25.59 1.25
CA THR B 71 13.69 24.19 0.83
C THR B 71 13.43 24.10 -0.67
N VAL B 72 14.35 23.46 -1.41
CA VAL B 72 14.28 23.33 -2.86
C VAL B 72 14.46 21.89 -3.35
N ALA B 73 13.94 21.61 -4.55
CA ALA B 73 14.08 20.32 -5.22
C ALA B 73 15.09 20.56 -6.28
N VAL B 74 16.25 19.90 -6.12
CA VAL B 74 17.37 20.06 -7.04
C VAL B 74 17.42 18.85 -7.90
N LYS B 75 17.02 19.04 -9.16
CA LYS B 75 17.04 18.00 -10.17
C LYS B 75 18.47 17.97 -10.67
N LYS B 76 19.13 16.82 -10.48
CA LYS B 76 20.49 16.58 -10.91
C LYS B 76 20.32 15.64 -12.11
N LEU B 77 20.20 16.23 -13.32
CA LEU B 77 20.00 15.52 -14.59
C LEU B 77 21.05 14.42 -14.85
N THR B 85 25.67 14.33 -24.89
CA THR B 85 24.51 15.10 -24.43
C THR B 85 24.12 16.16 -25.47
N GLU B 86 22.89 16.03 -26.00
CA GLU B 86 22.28 16.92 -26.99
C GLU B 86 20.78 17.03 -26.69
N GLU B 87 20.12 15.86 -26.54
CA GLU B 87 18.69 15.72 -26.24
C GLU B 87 18.38 16.25 -24.84
N LEU B 88 19.24 15.92 -23.85
CA LEU B 88 19.12 16.32 -22.44
C LEU B 88 19.19 17.84 -22.29
N LYS B 89 20.03 18.50 -23.12
CA LYS B 89 20.17 19.96 -23.13
C LYS B 89 18.99 20.62 -23.87
N GLN B 90 18.48 19.95 -24.93
CA GLN B 90 17.36 20.45 -25.75
C GLN B 90 16.04 20.45 -24.97
N GLN B 91 15.90 19.53 -24.00
CA GLN B 91 14.72 19.41 -23.13
C GLN B 91 14.82 20.42 -21.98
N PHE B 92 16.06 20.74 -21.54
CA PHE B 92 16.39 21.72 -20.50
C PHE B 92 15.88 23.10 -20.92
N ASP B 93 16.14 23.47 -22.19
CA ASP B 93 15.71 24.74 -22.78
C ASP B 93 14.18 24.87 -22.84
N GLN B 94 13.49 23.79 -23.25
CA GLN B 94 12.03 23.70 -23.38
C GLN B 94 11.31 23.83 -22.02
N GLU B 95 11.94 23.34 -20.94
CA GLU B 95 11.45 23.39 -19.56
C GLU B 95 11.39 24.85 -19.08
N ILE B 96 12.43 25.67 -19.40
CA ILE B 96 12.52 27.10 -19.05
C ILE B 96 11.48 27.92 -19.83
N LYS B 97 11.31 27.61 -21.14
CA LYS B 97 10.37 28.26 -22.06
C LYS B 97 8.91 28.15 -21.60
N VAL B 98 8.50 26.95 -21.16
CA VAL B 98 7.13 26.67 -20.68
C VAL B 98 6.91 27.31 -19.31
N MET B 99 7.88 27.18 -18.38
CA MET B 99 7.80 27.72 -17.01
C MET B 99 7.67 29.25 -16.96
N ALA B 100 8.35 29.96 -17.88
CA ALA B 100 8.30 31.42 -18.00
C ALA B 100 6.90 31.90 -18.38
N LYS B 101 6.24 31.15 -19.28
CA LYS B 101 4.90 31.41 -19.80
C LYS B 101 3.79 30.92 -18.88
N CYS B 102 4.02 29.80 -18.18
CA CYS B 102 2.99 29.13 -17.38
C CYS B 102 3.20 29.20 -15.86
N GLN B 103 2.46 30.12 -15.24
CA GLN B 103 2.45 30.33 -13.79
C GLN B 103 1.03 30.11 -13.31
N HIS B 104 0.83 29.15 -12.40
CA HIS B 104 -0.50 28.79 -11.89
C HIS B 104 -0.35 28.05 -10.55
N GLU B 105 -1.36 28.15 -9.66
CA GLU B 105 -1.35 27.48 -8.36
C GLU B 105 -1.28 25.95 -8.45
N ASN B 106 -1.67 25.37 -9.61
CA ASN B 106 -1.65 23.91 -9.81
C ASN B 106 -0.53 23.45 -10.73
N LEU B 107 0.54 24.25 -10.84
CA LEU B 107 1.74 23.92 -11.60
C LEU B 107 2.92 24.16 -10.68
N VAL B 108 3.93 23.25 -10.68
CA VAL B 108 5.14 23.46 -9.86
C VAL B 108 5.85 24.73 -10.31
N GLU B 109 6.48 25.43 -9.39
CA GLU B 109 7.17 26.67 -9.73
C GLU B 109 8.67 26.41 -9.93
N LEU B 110 9.23 26.95 -11.03
CA LEU B 110 10.66 26.87 -11.32
C LEU B 110 11.32 28.13 -10.74
N LEU B 111 12.29 27.94 -9.85
CA LEU B 111 13.03 29.01 -9.18
C LEU B 111 14.21 29.53 -10.00
N GLY B 112 14.89 28.62 -10.70
CA GLY B 112 16.03 28.96 -11.54
C GLY B 112 16.72 27.78 -12.19
N PHE B 113 17.36 28.05 -13.35
CA PHE B 113 18.10 27.09 -14.17
C PHE B 113 19.62 27.25 -14.07
N SER B 114 20.31 26.14 -13.72
CA SER B 114 21.77 26.05 -13.62
C SER B 114 22.28 25.38 -14.93
N SER B 115 22.48 26.21 -15.97
CA SER B 115 22.84 25.84 -17.35
C SER B 115 24.34 25.61 -17.65
N ASP B 116 25.25 26.06 -16.77
CA ASP B 116 26.69 25.93 -17.04
C ASP B 116 27.36 24.75 -16.34
N GLY B 117 28.36 24.19 -17.02
CA GLY B 117 29.15 23.05 -16.57
C GLY B 117 28.99 21.82 -17.44
N ASP B 118 28.88 20.63 -16.81
CA ASP B 118 28.67 19.36 -17.50
C ASP B 118 27.36 18.72 -17.05
N ASP B 119 26.98 18.93 -15.78
CA ASP B 119 25.72 18.43 -15.23
C ASP B 119 24.80 19.62 -14.96
N LEU B 120 23.64 19.62 -15.65
CA LEU B 120 22.61 20.66 -15.54
C LEU B 120 21.71 20.37 -14.33
N CYS B 121 21.47 21.40 -13.50
CA CYS B 121 20.63 21.27 -12.31
C CYS B 121 19.40 22.21 -12.39
N LEU B 122 18.20 21.70 -12.02
CA LEU B 122 16.99 22.53 -12.02
C LEU B 122 16.45 22.70 -10.62
N VAL B 123 16.14 23.97 -10.26
CA VAL B 123 15.64 24.35 -8.95
C VAL B 123 14.12 24.51 -9.03
N TYR B 124 13.43 23.99 -8.03
CA TYR B 124 12.00 24.03 -7.94
C TYR B 124 11.64 24.26 -6.53
N VAL B 125 10.44 24.79 -6.33
CA VAL B 125 9.91 24.93 -5.01
C VAL B 125 9.62 23.49 -4.60
N TYR B 126 10.14 23.13 -3.44
CA TYR B 126 10.05 21.79 -2.88
C TYR B 126 8.63 21.55 -2.42
N MET B 127 8.02 20.50 -2.97
CA MET B 127 6.65 20.11 -2.60
C MET B 127 6.82 19.13 -1.44
N PRO B 128 6.47 19.53 -0.19
CA PRO B 128 6.74 18.66 0.97
C PRO B 128 6.04 17.32 1.03
N ASN B 129 4.91 17.14 0.29
CA ASN B 129 4.18 15.88 0.35
C ASN B 129 4.45 14.93 -0.85
N GLY B 130 5.52 15.21 -1.59
CA GLY B 130 6.02 14.39 -2.69
C GLY B 130 5.07 14.24 -3.86
N SER B 131 5.08 13.06 -4.50
CA SER B 131 4.21 12.80 -5.63
C SER B 131 2.92 12.08 -5.22
N LEU B 132 1.89 12.19 -6.05
CA LEU B 132 0.62 11.50 -5.87
C LEU B 132 0.85 9.99 -5.95
N LEU B 133 1.82 9.54 -6.79
CA LEU B 133 2.17 8.12 -6.91
C LEU B 133 2.63 7.57 -5.57
N ASP B 134 3.56 8.25 -4.90
CA ASP B 134 4.07 7.86 -3.57
C ASP B 134 2.99 7.87 -2.50
N ARG B 135 2.09 8.87 -2.51
CA ARG B 135 1.01 9.00 -1.53
C ARG B 135 -0.05 7.94 -1.71
N LEU B 136 -0.32 7.53 -2.97
CA LEU B 136 -1.28 6.45 -3.27
C LEU B 136 -0.72 5.10 -2.82
N SER B 137 0.61 4.92 -2.82
CA SER B 137 1.19 3.66 -2.35
C SER B 137 1.61 3.73 -0.85
N CYS B 138 1.32 4.86 -0.16
CA CYS B 138 1.64 5.13 1.26
C CYS B 138 3.13 4.97 1.54
N LEU B 139 3.96 5.37 0.57
CA LEU B 139 5.41 5.26 0.65
C LEU B 139 5.95 5.98 1.89
N ASP B 140 6.89 5.33 2.60
CA ASP B 140 7.57 5.82 3.80
C ASP B 140 6.63 6.03 5.02
N GLY B 141 5.55 5.28 5.07
CA GLY B 141 4.61 5.29 6.18
C GLY B 141 3.58 6.40 6.23
N THR B 142 3.33 7.06 5.09
CA THR B 142 2.34 8.14 5.04
C THR B 142 0.92 7.56 5.08
N PRO B 143 -0.04 8.19 5.81
CA PRO B 143 -1.39 7.62 5.86
C PRO B 143 -2.10 7.58 4.50
N PRO B 144 -2.99 6.59 4.22
CA PRO B 144 -3.72 6.61 2.94
C PRO B 144 -4.50 7.91 2.72
N LEU B 145 -4.58 8.38 1.46
CA LEU B 145 -5.33 9.59 1.16
C LEU B 145 -6.82 9.28 1.28
N SER B 146 -7.57 10.16 1.91
CA SER B 146 -9.01 9.95 2.06
C SER B 146 -9.68 10.21 0.70
N TRP B 147 -10.91 9.74 0.53
CA TRP B 147 -11.65 9.98 -0.69
C TRP B 147 -11.84 11.49 -0.94
N HIS B 148 -12.18 12.25 0.13
CA HIS B 148 -12.34 13.70 0.10
C HIS B 148 -11.08 14.39 -0.45
N MET B 149 -9.88 14.00 0.04
CA MET B 149 -8.63 14.57 -0.45
C MET B 149 -8.36 14.14 -1.92
N ARG B 150 -8.66 12.88 -2.26
CA ARG B 150 -8.48 12.37 -3.63
C ARG B 150 -9.28 13.20 -4.64
N CYS B 151 -10.53 13.59 -4.29
CA CYS B 151 -11.40 14.43 -5.11
C CYS B 151 -10.81 15.84 -5.33
N LYS B 152 -10.25 16.46 -4.27
CA LYS B 152 -9.63 17.81 -4.35
C LYS B 152 -8.34 17.75 -5.20
N ILE B 153 -7.57 16.66 -5.06
CA ILE B 153 -6.34 16.42 -5.82
C ILE B 153 -6.69 16.27 -7.32
N ALA B 154 -7.74 15.47 -7.64
CA ALA B 154 -8.20 15.23 -9.01
C ALA B 154 -8.67 16.54 -9.64
N GLN B 155 -9.40 17.37 -8.88
CA GLN B 155 -9.90 18.69 -9.30
C GLN B 155 -8.73 19.67 -9.53
N GLY B 156 -7.76 19.69 -8.62
CA GLY B 156 -6.56 20.53 -8.72
C GLY B 156 -5.71 20.16 -9.93
N ALA B 157 -5.50 18.85 -10.16
CA ALA B 157 -4.75 18.34 -11.33
C ALA B 157 -5.42 18.76 -12.65
N ALA B 158 -6.77 18.66 -12.73
CA ALA B 158 -7.53 19.05 -13.92
C ALA B 158 -7.43 20.56 -14.18
N ASN B 159 -7.41 21.38 -13.09
CA ASN B 159 -7.27 22.84 -13.16
C ASN B 159 -5.90 23.21 -13.75
N GLY B 160 -4.89 22.44 -13.37
CA GLY B 160 -3.52 22.60 -13.87
C GLY B 160 -3.40 22.26 -15.35
N ILE B 161 -4.03 21.16 -15.78
CA ILE B 161 -4.04 20.73 -17.20
C ILE B 161 -4.86 21.75 -18.02
N ASN B 162 -5.99 22.23 -17.46
CA ASN B 162 -6.81 23.26 -18.11
C ASN B 162 -5.99 24.50 -18.44
N PHE B 163 -5.19 25.01 -17.47
CA PHE B 163 -4.32 26.17 -17.64
C PHE B 163 -3.31 25.94 -18.76
N LEU B 164 -2.68 24.75 -18.79
CA LEU B 164 -1.72 24.39 -19.83
C LEU B 164 -2.37 24.39 -21.21
N HIS B 165 -3.56 23.76 -21.33
CA HIS B 165 -4.30 23.66 -22.59
C HIS B 165 -4.87 25.00 -23.08
N GLU B 166 -5.33 25.88 -22.15
CA GLU B 166 -5.84 27.23 -22.46
C GLU B 166 -4.73 28.09 -23.05
N ASN B 167 -3.48 27.81 -22.67
CA ASN B 167 -2.28 28.51 -23.14
C ASN B 167 -1.61 27.79 -24.32
N HIS B 168 -2.37 26.87 -24.97
CA HIS B 168 -2.00 26.06 -26.14
C HIS B 168 -0.74 25.21 -25.91
N HIS B 169 -0.67 24.55 -24.74
CA HIS B 169 0.44 23.67 -24.39
C HIS B 169 0.00 22.26 -24.10
N ILE B 170 0.74 21.29 -24.63
CA ILE B 170 0.52 19.86 -24.44
C ILE B 170 1.60 19.40 -23.47
N HIS B 171 1.21 18.72 -22.38
CA HIS B 171 2.16 18.25 -21.37
C HIS B 171 3.01 17.09 -21.90
N ARG B 172 2.35 16.05 -22.46
CA ARG B 172 2.92 14.83 -23.06
C ARG B 172 3.43 13.78 -22.04
N ASP B 173 3.40 14.08 -20.73
CA ASP B 173 3.82 13.11 -19.71
C ASP B 173 2.97 13.20 -18.44
N ILE B 174 1.64 13.28 -18.59
CA ILE B 174 0.73 13.31 -17.46
C ILE B 174 0.74 11.91 -16.83
N LYS B 175 1.10 11.84 -15.55
CA LYS B 175 1.17 10.62 -14.74
C LYS B 175 1.19 11.00 -13.24
N SER B 176 0.86 10.05 -12.34
CA SER B 176 0.83 10.31 -10.90
C SER B 176 2.22 10.66 -10.31
N ALA B 177 3.32 10.23 -10.95
CA ALA B 177 4.68 10.61 -10.49
C ALA B 177 4.94 12.11 -10.77
N ASN B 178 4.18 12.70 -11.72
CA ASN B 178 4.26 14.08 -12.19
C ASN B 178 3.19 14.99 -11.60
N ILE B 179 2.44 14.48 -10.64
CA ILE B 179 1.49 15.27 -9.90
C ILE B 179 2.07 15.36 -8.49
N LEU B 180 2.62 16.52 -8.13
CA LEU B 180 3.22 16.71 -6.81
C LEU B 180 2.23 17.33 -5.85
N LEU B 181 2.48 17.21 -4.55
CA LEU B 181 1.58 17.73 -3.54
C LEU B 181 2.28 18.66 -2.57
N ASP B 182 1.72 19.85 -2.36
CA ASP B 182 2.34 20.77 -1.43
C ASP B 182 1.93 20.46 0.02
N GLU B 183 2.23 21.41 0.93
CA GLU B 183 1.94 21.35 2.37
C GLU B 183 0.45 21.13 2.68
N ALA B 184 -0.46 21.64 1.84
CA ALA B 184 -1.92 21.49 1.97
C ALA B 184 -2.53 20.40 1.05
N PHE B 185 -1.65 19.53 0.47
CA PHE B 185 -2.01 18.46 -0.48
C PHE B 185 -2.65 19.03 -1.75
N THR B 186 -2.25 20.27 -2.13
CA THR B 186 -2.72 20.95 -3.34
C THR B 186 -1.91 20.30 -4.50
N ALA B 187 -2.62 19.88 -5.55
CA ALA B 187 -2.01 19.22 -6.73
C ALA B 187 -1.22 20.21 -7.56
N LYS B 188 0.02 19.82 -7.87
CA LYS B 188 0.96 20.62 -8.64
C LYS B 188 1.49 19.79 -9.83
N ILE B 189 1.12 20.15 -11.07
CA ILE B 189 1.59 19.45 -12.27
C ILE B 189 3.08 19.83 -12.49
N SER B 190 3.94 18.81 -12.68
CA SER B 190 5.39 18.98 -12.90
C SER B 190 5.85 18.32 -14.18
N ASP B 191 7.16 18.47 -14.48
CA ASP B 191 7.91 17.86 -15.58
C ASP B 191 7.40 18.28 -16.96
N PHE B 192 7.88 19.44 -17.43
CA PHE B 192 7.52 20.05 -18.70
C PHE B 192 8.67 19.96 -19.73
N GLY B 193 9.57 19.00 -19.52
CA GLY B 193 10.72 18.74 -20.37
C GLY B 193 10.32 18.26 -21.76
N LEU B 194 9.18 17.55 -21.84
CA LEU B 194 8.63 17.02 -23.09
C LEU B 194 7.49 17.90 -23.63
N ALA B 195 6.98 18.85 -22.82
CA ALA B 195 5.88 19.77 -23.17
C ALA B 195 6.08 20.49 -24.50
N ARG B 196 5.01 20.61 -25.31
CA ARG B 196 5.06 21.25 -26.62
C ARG B 196 3.95 22.30 -26.79
N ALA B 197 4.24 23.36 -27.56
CA ALA B 197 3.27 24.43 -27.85
C ALA B 197 2.30 24.02 -28.97
N SER B 198 1.30 24.86 -29.29
CA SER B 198 0.28 24.62 -30.34
C SER B 198 -0.46 25.90 -30.71
N MET B 206 2.78 15.19 -34.98
CA MET B 206 3.37 13.94 -35.41
C MET B 206 4.90 13.99 -35.35
N TPO B 207 5.51 13.06 -34.58
CA TPO B 207 6.96 12.97 -34.36
CB TPO B 207 7.31 13.41 -32.88
CG2 TPO B 207 6.81 12.50 -31.73
OG1 TPO B 207 8.72 13.64 -32.65
P TPO B 207 9.29 15.04 -32.99
O1P TPO B 207 9.92 14.98 -34.37
O2P TPO B 207 8.27 16.19 -32.96
O3P TPO B 207 10.38 15.32 -31.96
C TPO B 207 7.55 11.59 -34.67
O TPO B 207 6.82 10.60 -34.76
N SEP B 208 8.90 11.53 -34.81
CA SEP B 208 9.66 10.31 -35.07
CB SEP B 208 10.80 10.59 -36.06
OG SEP B 208 11.67 11.62 -35.52
C SEP B 208 10.21 9.71 -33.76
O SEP B 208 10.53 8.52 -33.73
P SEP B 208 12.54 12.29 -36.62
O1P SEP B 208 13.52 11.31 -37.28
O2P SEP B 208 13.34 13.37 -35.88
O3P SEP B 208 11.70 12.97 -37.71
N ARG B 209 10.29 10.55 -32.70
CA ARG B 209 10.79 10.19 -31.38
C ARG B 209 9.64 10.04 -30.37
N ILE B 210 9.13 8.81 -30.18
CA ILE B 210 8.03 8.50 -29.26
C ILE B 210 8.55 8.58 -27.82
N VAL B 211 8.03 9.55 -27.05
CA VAL B 211 8.43 9.79 -25.66
C VAL B 211 7.25 9.79 -24.69
N GLY B 212 7.50 9.35 -23.46
CA GLY B 212 6.52 9.27 -22.38
C GLY B 212 6.52 7.92 -21.69
N THR B 213 5.59 7.73 -20.72
CA THR B 213 5.43 6.49 -19.97
C THR B 213 4.32 5.67 -20.61
N THR B 214 4.66 4.50 -21.19
CA THR B 214 3.77 3.63 -21.96
C THR B 214 2.48 3.25 -21.21
N ALA B 215 2.55 2.99 -19.90
CA ALA B 215 1.40 2.65 -19.05
C ALA B 215 0.29 3.71 -19.00
N TYR B 216 0.62 4.96 -19.34
CA TYR B 216 -0.29 6.12 -19.31
C TYR B 216 -0.61 6.67 -20.69
N MET B 217 0.15 6.28 -21.70
CA MET B 217 0.04 6.83 -23.05
C MET B 217 -1.19 6.40 -23.83
N ALA B 218 -1.76 7.36 -24.56
CA ALA B 218 -2.90 7.18 -25.47
C ALA B 218 -2.43 6.34 -26.67
N PRO B 219 -3.32 5.53 -27.31
CA PRO B 219 -2.86 4.74 -28.48
C PRO B 219 -2.21 5.59 -29.57
N GLU B 220 -2.80 6.76 -29.90
CA GLU B 220 -2.25 7.66 -30.92
C GLU B 220 -0.89 8.27 -30.52
N ALA B 221 -0.62 8.43 -29.20
CA ALA B 221 0.63 8.98 -28.68
C ALA B 221 1.77 7.97 -28.88
N LEU B 222 1.46 6.66 -28.73
CA LEU B 222 2.40 5.56 -28.95
C LEU B 222 2.71 5.43 -30.43
N ARG B 223 1.85 6.02 -31.29
CA ARG B 223 2.01 6.02 -32.75
C ARG B 223 2.93 7.15 -33.18
N GLY B 224 3.03 8.18 -32.35
CA GLY B 224 3.85 9.36 -32.61
C GLY B 224 3.07 10.65 -32.67
N GLU B 225 1.71 10.59 -32.71
CA GLU B 225 0.87 11.80 -32.74
C GLU B 225 1.06 12.61 -31.46
N ILE B 226 1.03 13.94 -31.61
CA ILE B 226 1.16 14.92 -30.51
C ILE B 226 -0.15 15.71 -30.52
N THR B 227 -0.97 15.56 -29.46
CA THR B 227 -2.28 16.20 -29.36
C THR B 227 -2.71 16.39 -27.90
N PRO B 228 -3.36 17.52 -27.52
CA PRO B 228 -3.82 17.67 -26.12
C PRO B 228 -4.81 16.57 -25.69
N LYS B 229 -5.38 15.84 -26.68
CA LYS B 229 -6.31 14.73 -26.47
C LYS B 229 -5.61 13.53 -25.80
N SER B 230 -4.29 13.40 -26.00
CA SER B 230 -3.47 12.34 -25.39
C SER B 230 -3.30 12.64 -23.90
N ASP B 231 -3.22 13.94 -23.51
CA ASP B 231 -3.12 14.39 -22.11
C ASP B 231 -4.38 13.95 -21.34
N ILE B 232 -5.56 14.00 -22.01
CA ILE B 232 -6.87 13.60 -21.47
C ILE B 232 -6.88 12.10 -21.14
N TYR B 233 -6.38 11.26 -22.07
CA TYR B 233 -6.28 9.81 -21.90
C TYR B 233 -5.40 9.48 -20.68
N SER B 234 -4.20 10.09 -20.60
CA SER B 234 -3.23 9.92 -19.50
C SER B 234 -3.86 10.34 -18.17
N PHE B 235 -4.64 11.44 -18.16
CA PHE B 235 -5.36 11.89 -16.97
C PHE B 235 -6.39 10.86 -16.52
N GLY B 236 -7.02 10.17 -17.47
CA GLY B 236 -7.96 9.08 -17.24
C GLY B 236 -7.31 7.91 -16.50
N VAL B 237 -6.04 7.62 -16.79
CA VAL B 237 -5.26 6.58 -16.13
C VAL B 237 -5.00 7.00 -14.68
N VAL B 238 -4.64 8.29 -14.46
CA VAL B 238 -4.41 8.90 -13.14
C VAL B 238 -5.67 8.79 -12.28
N LEU B 239 -6.84 9.07 -12.86
CA LEU B 239 -8.13 8.96 -12.19
C LEU B 239 -8.43 7.53 -11.72
N LEU B 240 -8.02 6.51 -12.51
CA LEU B 240 -8.16 5.09 -12.13
C LEU B 240 -7.20 4.75 -10.98
N GLU B 241 -5.99 5.32 -10.98
CA GLU B 241 -5.01 5.13 -9.88
C GLU B 241 -5.55 5.74 -8.58
N ILE B 242 -6.25 6.89 -8.68
CA ILE B 242 -6.86 7.59 -7.55
C ILE B 242 -7.97 6.74 -6.92
N ILE B 243 -8.83 6.13 -7.76
CA ILE B 243 -9.96 5.30 -7.34
C ILE B 243 -9.49 3.98 -6.70
N THR B 244 -8.52 3.31 -7.35
CA THR B 244 -8.03 2.00 -6.97
C THR B 244 -6.84 1.94 -6.03
N GLY B 245 -6.00 2.99 -6.03
CA GLY B 245 -4.75 3.05 -5.28
C GLY B 245 -3.71 2.12 -5.90
N LEU B 246 -3.95 1.68 -7.15
CA LEU B 246 -3.07 0.75 -7.86
C LEU B 246 -2.16 1.44 -8.85
N PRO B 247 -0.89 1.02 -8.97
CA PRO B 247 -0.01 1.63 -9.99
C PRO B 247 -0.50 1.25 -11.42
N ALA B 248 -0.31 2.16 -12.40
CA ALA B 248 -0.74 2.00 -13.79
C ALA B 248 -0.24 0.73 -14.46
N VAL B 249 0.94 0.25 -14.04
CA VAL B 249 1.57 -0.97 -14.52
C VAL B 249 2.16 -1.77 -13.34
N ASP B 250 1.94 -3.10 -13.36
CA ASP B 250 2.46 -4.05 -12.39
C ASP B 250 2.57 -5.42 -13.04
N GLU B 251 3.82 -5.80 -13.38
CA GLU B 251 4.20 -7.07 -14.02
C GLU B 251 3.85 -8.29 -13.15
N HIS B 252 3.89 -8.10 -11.80
CA HIS B 252 3.55 -9.10 -10.79
C HIS B 252 2.09 -8.89 -10.35
N ARG B 253 1.17 -8.76 -11.34
CA ARG B 253 -0.27 -8.53 -11.18
C ARG B 253 -1.01 -8.86 -12.49
N GLU B 254 -2.29 -9.30 -12.39
CA GLU B 254 -3.16 -9.60 -13.51
C GLU B 254 -4.50 -8.83 -13.34
N PRO B 255 -4.88 -7.91 -14.27
CA PRO B 255 -4.17 -7.50 -15.51
C PRO B 255 -2.96 -6.61 -15.19
N GLN B 256 -1.93 -6.68 -16.04
CA GLN B 256 -0.69 -5.91 -15.86
C GLN B 256 -0.91 -4.40 -15.95
N LEU B 257 -1.75 -3.96 -16.90
CA LEU B 257 -2.09 -2.56 -17.12
C LEU B 257 -3.42 -2.23 -16.50
N LEU B 258 -3.45 -1.12 -15.74
CA LEU B 258 -4.63 -0.65 -15.05
C LEU B 258 -5.76 -0.24 -16.00
N LEU B 259 -5.41 0.45 -17.12
CA LEU B 259 -6.38 0.89 -18.14
C LEU B 259 -7.28 -0.26 -18.65
N ASP B 260 -6.78 -1.52 -18.54
CA ASP B 260 -7.50 -2.73 -18.90
C ASP B 260 -8.67 -3.08 -17.96
N ILE B 261 -8.78 -2.45 -16.76
CA ILE B 261 -9.90 -2.70 -15.84
C ILE B 261 -11.20 -2.12 -16.42
N LYS B 262 -11.06 -1.13 -17.27
CA LYS B 262 -12.20 -0.53 -17.90
C LYS B 262 -12.93 -1.59 -18.73
N GLU B 263 -12.19 -2.36 -19.50
CA GLU B 263 -12.75 -3.42 -20.34
C GLU B 263 -13.42 -4.51 -19.49
N GLU B 264 -12.78 -4.89 -18.34
CA GLU B 264 -13.32 -5.86 -17.37
C GLU B 264 -14.68 -5.42 -16.82
N ILE B 265 -14.84 -4.12 -16.55
CA ILE B 265 -16.07 -3.51 -16.03
C ILE B 265 -17.15 -3.47 -17.14
N GLU B 266 -16.76 -3.00 -18.35
CA GLU B 266 -17.64 -2.92 -19.53
C GLU B 266 -18.17 -4.29 -19.98
N ASP B 267 -17.35 -5.35 -19.81
CA ASP B 267 -17.73 -6.72 -20.16
C ASP B 267 -18.44 -7.44 -18.99
N GLU B 268 -18.62 -6.73 -17.85
CA GLU B 268 -19.28 -7.19 -16.61
C GLU B 268 -18.56 -8.37 -15.94
N GLU B 269 -17.25 -8.51 -16.21
CA GLU B 269 -16.36 -9.54 -15.64
C GLU B 269 -16.07 -9.20 -14.17
N LYS B 270 -16.06 -7.90 -13.85
CA LYS B 270 -15.84 -7.32 -12.53
C LYS B 270 -16.61 -5.99 -12.43
N THR B 271 -16.69 -5.39 -11.24
CA THR B 271 -17.38 -4.10 -11.03
C THR B 271 -16.40 -3.03 -10.54
N ILE B 272 -16.81 -1.75 -10.56
CA ILE B 272 -15.97 -0.66 -10.06
C ILE B 272 -15.74 -0.84 -8.55
N GLU B 273 -16.79 -1.29 -7.81
CA GLU B 273 -16.77 -1.56 -6.37
C GLU B 273 -15.69 -2.58 -6.00
N ASP B 274 -15.47 -3.59 -6.87
CA ASP B 274 -14.44 -4.62 -6.69
C ASP B 274 -13.03 -4.02 -6.71
N TYR B 275 -12.85 -2.86 -7.38
CA TYR B 275 -11.55 -2.22 -7.55
C TYR B 275 -11.29 -0.99 -6.66
N ILE B 276 -12.33 -0.48 -5.94
CA ILE B 276 -12.23 0.67 -5.05
C ILE B 276 -11.10 0.41 -4.04
N ASP B 277 -10.20 1.38 -3.86
CA ASP B 277 -9.08 1.28 -2.92
C ASP B 277 -9.66 0.96 -1.54
N LYS B 278 -9.25 -0.18 -0.96
CA LYS B 278 -9.73 -0.64 0.34
C LYS B 278 -9.09 0.13 1.49
N LYS B 279 -8.10 0.99 1.17
CA LYS B 279 -7.39 1.82 2.12
C LYS B 279 -8.12 3.16 2.38
N MET B 280 -9.42 3.25 2.10
CA MET B 280 -10.23 4.45 2.39
C MET B 280 -11.40 3.99 3.24
N ASN B 281 -12.01 4.90 4.01
CA ASN B 281 -13.20 4.61 4.80
C ASN B 281 -14.35 5.56 4.42
N ASP B 282 -14.04 6.66 3.71
CA ASP B 282 -14.99 7.73 3.36
C ASP B 282 -15.43 7.78 1.88
N ALA B 283 -15.25 6.69 1.14
CA ALA B 283 -15.72 6.69 -0.24
C ALA B 283 -17.22 6.35 -0.26
N ASP B 284 -17.98 6.99 -1.15
CA ASP B 284 -19.39 6.68 -1.35
C ASP B 284 -19.52 6.31 -2.80
N SER B 285 -20.35 5.30 -3.10
CA SER B 285 -20.55 4.80 -4.45
C SER B 285 -20.92 5.85 -5.48
N THR B 286 -21.70 6.87 -5.09
CA THR B 286 -22.15 7.94 -5.99
C THR B 286 -20.98 8.73 -6.57
N SER B 287 -20.10 9.29 -5.72
CA SER B 287 -18.96 10.06 -6.21
C SER B 287 -17.88 9.19 -6.84
N VAL B 288 -17.71 7.95 -6.35
CA VAL B 288 -16.74 6.99 -6.91
C VAL B 288 -17.14 6.63 -8.36
N GLU B 289 -18.44 6.37 -8.58
CA GLU B 289 -18.98 6.05 -9.91
C GLU B 289 -18.91 7.26 -10.85
N ALA B 290 -19.09 8.48 -10.31
CA ALA B 290 -18.99 9.72 -11.08
C ALA B 290 -17.53 10.00 -11.51
N MET B 291 -16.53 9.65 -10.66
CA MET B 291 -15.12 9.83 -11.07
C MET B 291 -14.75 8.77 -12.09
N TYR B 292 -15.24 7.53 -11.89
CA TYR B 292 -15.02 6.42 -12.83
C TYR B 292 -15.61 6.74 -14.20
N SER B 293 -16.79 7.40 -14.23
CA SER B 293 -17.46 7.82 -15.47
C SER B 293 -16.59 8.82 -16.22
N VAL B 294 -15.94 9.76 -15.49
CA VAL B 294 -15.02 10.75 -16.08
C VAL B 294 -13.82 9.98 -16.65
N ALA B 295 -13.22 9.06 -15.86
CA ALA B 295 -12.08 8.24 -16.26
C ALA B 295 -12.37 7.44 -17.51
N SER B 296 -13.55 6.79 -17.58
CA SER B 296 -14.03 6.00 -18.71
C SER B 296 -14.16 6.84 -19.97
N GLN B 297 -14.74 8.06 -19.86
CA GLN B 297 -14.88 8.99 -20.98
C GLN B 297 -13.50 9.42 -21.51
N CYS B 298 -12.55 9.68 -20.59
CA CYS B 298 -11.16 10.08 -20.88
C CYS B 298 -10.41 8.98 -21.63
N LEU B 299 -10.69 7.72 -21.29
CA LEU B 299 -10.01 6.53 -21.81
C LEU B 299 -10.61 5.96 -23.11
N HIS B 300 -11.38 6.78 -23.83
CA HIS B 300 -11.95 6.42 -25.13
C HIS B 300 -10.77 6.21 -26.10
N GLU B 301 -10.79 5.11 -26.87
CA GLU B 301 -9.71 4.79 -27.81
C GLU B 301 -9.65 5.81 -28.97
N LYS B 302 -10.81 6.37 -29.36
CA LYS B 302 -10.92 7.39 -30.40
C LYS B 302 -10.76 8.76 -29.73
N LYS B 303 -9.63 9.43 -30.03
CA LYS B 303 -9.21 10.72 -29.47
C LYS B 303 -10.28 11.82 -29.53
N ASN B 304 -11.04 11.90 -30.64
CA ASN B 304 -12.08 12.89 -30.85
C ASN B 304 -13.33 12.66 -29.99
N LYS B 305 -13.50 11.43 -29.45
CA LYS B 305 -14.62 11.04 -28.59
C LYS B 305 -14.34 11.27 -27.09
N ARG B 306 -13.12 11.73 -26.77
CA ARG B 306 -12.72 12.06 -25.41
C ARG B 306 -13.21 13.47 -25.07
N PRO B 307 -13.61 13.76 -23.81
CA PRO B 307 -14.03 15.15 -23.50
C PRO B 307 -12.79 16.05 -23.42
N ASP B 308 -12.96 17.37 -23.68
CA ASP B 308 -11.84 18.30 -23.54
C ASP B 308 -11.59 18.53 -22.06
N ILE B 309 -10.48 19.18 -21.71
CA ILE B 309 -10.13 19.42 -20.31
C ILE B 309 -11.19 20.27 -19.58
N LYS B 310 -11.81 21.25 -20.28
CA LYS B 310 -12.86 22.09 -19.69
C LYS B 310 -14.09 21.27 -19.27
N LYS B 311 -14.44 20.22 -20.05
CA LYS B 311 -15.57 19.35 -19.72
C LYS B 311 -15.21 18.43 -18.55
N VAL B 312 -13.96 17.94 -18.51
CA VAL B 312 -13.42 17.09 -17.43
C VAL B 312 -13.47 17.89 -16.12
N GLN B 313 -12.96 19.14 -16.16
CA GLN B 313 -12.91 20.09 -15.05
C GLN B 313 -14.34 20.39 -14.56
N GLN B 314 -15.30 20.52 -15.50
CA GLN B 314 -16.72 20.76 -15.23
C GLN B 314 -17.36 19.52 -14.57
N LEU B 315 -17.09 18.30 -15.09
CA LEU B 315 -17.63 17.03 -14.55
C LEU B 315 -17.10 16.69 -13.16
N LEU B 316 -15.79 16.98 -12.88
CA LEU B 316 -15.18 16.75 -11.57
C LEU B 316 -15.76 17.70 -10.51
N GLN B 317 -16.29 18.88 -10.95
CA GLN B 317 -16.95 19.87 -10.08
C GLN B 317 -18.37 19.43 -9.73
N GLU B 318 -19.04 18.74 -10.68
CA GLU B 318 -20.41 18.22 -10.52
C GLU B 318 -20.43 17.08 -9.50
N MET B 319 -19.34 16.29 -9.47
CA MET B 319 -19.10 15.12 -8.61
C MET B 319 -19.09 15.47 -7.10
N THR B 320 -18.46 16.60 -6.71
CA THR B 320 -18.39 17.00 -5.30
C THR B 320 -19.64 17.79 -4.88
C1 CKN C . -12.74 -12.71 16.56
C2 CKN C . -12.39 -11.67 17.61
C3 CKN C . -12.31 -10.31 17.39
N6 CKN C . -9.68 -13.85 14.71
C7 CKN C . -13.42 -9.84 12.72
C8 CKN C . -13.45 -9.03 11.42
C9 CKN C . -12.05 -8.71 10.89
C10 CKN C . -11.13 -8.12 11.97
C11 CKN C . -11.14 -8.96 13.25
C12 CKN C . -12.86 -6.72 9.64
C13 CKN C . -12.57 -5.84 8.44
C14 CKN C . -11.88 -7.85 7.20
C15 CKN C . -12.20 -8.69 8.43
C16 CKN C . -13.39 -6.18 6.12
C19 CKN C . -12.18 -11.87 19.02
C20 CKN C . -11.56 -13.61 16.21
C21 CKN C . -10.85 -13.26 14.91
O1 CKN C . -11.36 -12.49 14.09
C CKN C . -13.97 -13.53 16.95
C18 CKN C . -11.96 -10.68 19.60
N CKN C . -12.04 -9.70 18.60
N1 CKN C . -11.86 -8.35 18.79
C4 CKN C . -11.97 -7.63 17.63
N2 CKN C . -12.18 -8.10 16.40
C5 CKN C . -12.32 -9.44 16.25
N3 CKN C . -12.54 -9.92 15.02
C6 CKN C . -12.56 -9.15 13.78
N4 CKN C . -11.99 -7.90 9.66
N5 CKN C . -12.69 -6.63 7.19
C17 CKN C . -13.39 -7.02 4.87
O CKN C . -14.01 -5.12 6.16
S SO4 D . 19.09 33.26 8.63
O1 SO4 D . 19.56 33.80 7.35
O2 SO4 D . 19.11 31.79 8.57
O3 SO4 D . 19.97 33.69 9.72
O4 SO4 D . 17.72 33.71 8.93
C1 CKN E . 10.83 17.19 -9.44
C2 CKN E . 10.24 18.01 -8.33
C3 CKN E . 9.98 17.62 -7.00
N6 CKN E . 7.89 15.36 -10.91
C7 CKN E . 11.33 13.06 -6.90
C8 CKN E . 11.51 11.75 -6.16
C9 CKN E . 10.18 11.04 -5.94
C10 CKN E . 9.09 11.94 -5.33
C11 CKN E . 9.01 13.29 -6.05
C12 CKN E . 10.14 8.59 -6.04
C13 CKN E . 9.88 7.37 -5.17
C14 CKN E . 10.62 8.51 -3.11
C15 CKN E . 10.04 9.70 -3.85
C16 CKN E . 11.73 6.38 -3.82
C19 CKN E . 10.02 19.44 -8.34
C20 CKN E . 9.84 16.74 -10.54
C21 CKN E . 9.07 15.45 -10.31
O1 CKN E . 9.52 14.55 -9.59
C CKN E . 12.02 17.91 -10.08
C18 CKN E . 9.62 19.86 -7.12
N CKN E . 9.56 18.74 -6.29
N1 CKN E . 9.19 18.77 -4.98
C4 CKN E . 9.21 17.55 -4.39
N2 CKN E . 9.61 16.40 -4.95
C5 CKN E . 9.98 16.42 -6.25
N3 CKN E . 10.28 15.26 -6.82
C6 CKN E . 10.36 13.96 -6.16
N4 CKN E . 10.49 9.78 -5.25
N5 CKN E . 10.81 7.37 -4.02
C17 CKN E . 12.62 6.48 -2.61
O CKN E . 11.83 5.45 -4.60
#